data_7YYB
#
_entry.id   7YYB
#
_cell.length_a   76.295
_cell.length_b   125.184
_cell.length_c   119.002
_cell.angle_alpha   90.000
_cell.angle_beta   90.000
_cell.angle_gamma   90.000
#
_symmetry.space_group_name_H-M   'C 2 2 21'
#
loop_
_entity.id
_entity.type
_entity.pdbx_description
1 polymer 'Phosphopantetheine adenylyltransferase'
2 non-polymer 4-hydroxy-6-methyl-2H-1-benzopyran-2-one
3 water water
#
_entity_poly.entity_id   1
_entity_poly.type   'polypeptide(L)'
_entity_poly.pdbx_seq_one_letter_code
;SMTGAVCPGSFDPVTLGHLDVFERAAAQFDEVIVAVLINPNKAGMFTVDERIEMIRESTADLPNLRVESGQGLLVDFVRE
RGLNAIVKGLRTGTDFEYELQMAQMNKHIAGVDTFFVATAPAYSFVSSSLAKEVATYGGDVSALLPASVHQRLLGKLRGQ
AQ
;
_entity_poly.pdbx_strand_id   A,B,C
#
loop_
_chem_comp.id
_chem_comp.type
_chem_comp.name
_chem_comp.formula
QX4 non-polymer 4-hydroxy-6-methyl-2H-1-benzopyran-2-one 'C10 H8 O3'
#
# COMPACT_ATOMS: atom_id res chain seq x y z
N MET A 2 -24.51 23.80 -18.59
CA MET A 2 -23.26 24.25 -17.99
C MET A 2 -22.62 23.16 -17.13
N THR A 3 -22.63 21.92 -17.63
CA THR A 3 -22.07 20.79 -16.88
C THR A 3 -20.55 20.83 -16.89
N GLY A 4 -19.91 20.14 -15.96
CA GLY A 4 -18.46 20.18 -15.89
C GLY A 4 -17.86 19.24 -14.86
N ALA A 5 -16.62 18.86 -15.09
CA ALA A 5 -15.93 17.98 -14.16
C ALA A 5 -14.45 18.28 -14.07
N VAL A 6 -13.86 17.93 -12.93
CA VAL A 6 -12.42 18.07 -12.75
C VAL A 6 -11.74 16.70 -12.77
N CYS A 7 -10.66 16.59 -13.54
CA CYS A 7 -9.84 15.37 -13.61
C CYS A 7 -8.51 15.63 -12.91
N PRO A 8 -8.35 15.10 -11.68
CA PRO A 8 -7.20 15.43 -10.85
C PRO A 8 -6.09 14.39 -10.92
N GLY A 9 -4.88 14.84 -10.60
CA GLY A 9 -3.74 13.93 -10.48
C GLY A 9 -2.46 14.72 -10.33
N SER A 10 -1.34 14.02 -10.16
CA SER A 10 -0.04 14.69 -10.13
C SER A 10 0.54 14.75 -11.54
N PHE A 11 0.14 13.82 -12.41
CA PHE A 11 0.56 13.78 -13.83
C PHE A 11 2.05 14.05 -14.01
N ASP A 12 2.86 13.18 -13.40
CA ASP A 12 4.30 13.35 -13.38
C ASP A 12 5.04 12.13 -13.95
N PRO A 13 4.91 11.89 -15.26
CA PRO A 13 4.17 12.61 -16.31
C PRO A 13 2.79 12.06 -16.62
N VAL A 14 1.99 12.82 -17.34
CA VAL A 14 0.75 12.30 -17.94
C VAL A 14 1.04 11.06 -18.81
N THR A 15 0.15 10.07 -18.75
CA THR A 15 0.26 8.84 -19.54
C THR A 15 -0.92 8.74 -20.50
N LEU A 16 -0.87 7.75 -21.41
CA LEU A 16 -2.00 7.52 -22.29
C LEU A 16 -3.23 7.02 -21.52
N GLY A 17 -3.03 6.43 -20.35
CA GLY A 17 -4.13 6.04 -19.48
C GLY A 17 -4.87 7.28 -19.00
N HIS A 18 -4.13 8.32 -18.66
CA HIS A 18 -4.75 9.59 -18.24
C HIS A 18 -5.48 10.23 -19.43
N LEU A 19 -4.83 10.28 -20.58
CA LEU A 19 -5.45 10.93 -21.74
C LEU A 19 -6.77 10.25 -22.12
N ASP A 20 -6.80 8.92 -22.01
CA ASP A 20 -8.04 8.21 -22.32
C ASP A 20 -9.16 8.73 -21.43
N VAL A 21 -8.88 8.86 -20.15
CA VAL A 21 -9.87 9.37 -19.21
C VAL A 21 -10.26 10.82 -19.52
N PHE A 22 -9.27 11.66 -19.84
CA PHE A 22 -9.54 13.06 -20.22
C PHE A 22 -10.51 13.11 -21.40
N GLU A 23 -10.25 12.27 -22.39
CA GLU A 23 -11.06 12.23 -23.61
C GLU A 23 -12.51 11.83 -23.31
N ARG A 24 -12.67 10.85 -22.43
CA ARG A 24 -14.00 10.40 -22.08
C ARG A 24 -14.75 11.47 -21.29
N ALA A 25 -14.06 12.11 -20.36
CA ALA A 25 -14.67 13.20 -19.60
C ALA A 25 -15.08 14.36 -20.52
N ALA A 26 -14.22 14.71 -21.47
CA ALA A 26 -14.53 15.81 -22.39
C ALA A 26 -15.67 15.47 -23.33
N ALA A 27 -15.89 14.18 -23.59
CA ALA A 27 -16.99 13.79 -24.46
C ALA A 27 -18.32 13.82 -23.72
N GLN A 28 -18.27 13.82 -22.39
CA GLN A 28 -19.50 13.64 -21.59
C GLN A 28 -19.89 14.83 -20.72
N PHE A 29 -19.00 15.82 -20.60
CA PHE A 29 -19.27 17.03 -19.81
C PHE A 29 -19.00 18.27 -20.66
N ASP A 30 -19.72 19.37 -20.43
CA ASP A 30 -19.53 20.55 -21.27
C ASP A 30 -18.11 21.12 -21.16
N GLU A 31 -17.55 21.12 -19.95
CA GLU A 31 -16.17 21.58 -19.77
C GLU A 31 -15.44 20.66 -18.80
N VAL A 32 -14.15 20.46 -19.07
CA VAL A 32 -13.33 19.62 -18.22
C VAL A 32 -12.11 20.44 -17.81
N ILE A 33 -11.77 20.39 -16.53
CA ILE A 33 -10.54 21.01 -16.05
C ILE A 33 -9.61 19.92 -15.54
N VAL A 34 -8.43 19.81 -16.12
CA VAL A 34 -7.41 18.91 -15.59
C VAL A 34 -6.70 19.62 -14.45
N ALA A 35 -6.75 19.03 -13.25
CA ALA A 35 -6.17 19.69 -12.07
C ALA A 35 -4.84 19.04 -11.75
N VAL A 36 -3.75 19.77 -11.99
CA VAL A 36 -2.41 19.28 -11.69
C VAL A 36 -2.08 19.60 -10.26
N LEU A 37 -2.22 18.61 -9.37
CA LEU A 37 -2.12 18.86 -7.95
C LEU A 37 -0.67 18.70 -7.50
N ILE A 38 -0.15 19.74 -6.86
CA ILE A 38 1.24 19.85 -6.49
C ILE A 38 1.44 19.79 -4.98
N ASN A 39 2.38 18.96 -4.54
CA ASN A 39 2.80 18.97 -3.16
C ASN A 39 4.00 19.92 -3.02
N PRO A 40 3.82 21.04 -2.32
CA PRO A 40 4.89 22.04 -2.26
C PRO A 40 6.10 21.54 -1.49
N ASN A 41 5.96 20.39 -0.85
CA ASN A 41 7.02 19.82 -0.02
C ASN A 41 7.74 18.65 -0.65
N LYS A 42 7.29 18.19 -1.82
CA LYS A 42 8.04 17.16 -2.53
C LYS A 42 8.06 17.38 -4.03
N ALA A 43 9.27 17.61 -4.55
CA ALA A 43 9.43 17.73 -5.98
C ALA A 43 9.24 16.38 -6.64
N GLY A 44 8.66 16.38 -7.83
CA GLY A 44 8.58 15.17 -8.61
C GLY A 44 9.68 15.24 -9.65
N MET A 45 9.46 14.55 -10.76
CA MET A 45 10.43 14.54 -11.84
C MET A 45 10.33 15.79 -12.70
N PHE A 46 9.10 16.19 -12.99
CA PHE A 46 8.82 17.36 -13.82
C PHE A 46 8.29 18.53 -13.00
N THR A 47 8.65 19.73 -13.44
CA THR A 47 8.11 20.93 -12.76
C THR A 47 6.65 21.10 -13.16
N VAL A 48 5.93 21.94 -12.44
CA VAL A 48 4.51 22.16 -12.78
C VAL A 48 4.38 22.67 -14.23
N ASP A 49 5.23 23.59 -14.67
CA ASP A 49 5.05 24.10 -16.04
C ASP A 49 5.32 22.97 -17.04
N GLU A 50 6.29 22.13 -16.77
CA GLU A 50 6.55 21.00 -17.67
C GLU A 50 5.37 20.03 -17.74
N ARG A 51 4.78 19.73 -16.58
CA ARG A 51 3.61 18.85 -16.53
C ARG A 51 2.46 19.42 -17.34
N ILE A 52 2.21 20.72 -17.19
CA ILE A 52 1.09 21.35 -17.87
C ILE A 52 1.31 21.39 -19.38
N GLU A 53 2.55 21.69 -19.79
CA GLU A 53 2.90 21.73 -21.20
C GLU A 53 2.70 20.35 -21.85
N MET A 54 3.12 19.29 -21.16
CA MET A 54 2.97 17.95 -21.73
C MET A 54 1.48 17.55 -21.88
N ILE A 55 0.65 17.98 -20.93
CA ILE A 55 -0.79 17.71 -21.03
C ILE A 55 -1.43 18.52 -22.14
N ARG A 56 -1.09 19.81 -22.25
CA ARG A 56 -1.68 20.67 -23.27
C ARG A 56 -1.35 20.16 -24.68
N GLU A 57 -0.11 19.73 -24.87
CA GLU A 57 0.30 19.28 -26.20
C GLU A 57 -0.45 18.02 -26.63
N SER A 58 -0.87 17.21 -25.68
CA SER A 58 -1.54 15.95 -26.02
CA SER A 58 -1.54 15.94 -25.98
C SER A 58 -3.06 16.05 -25.96
N THR A 59 -3.57 17.24 -25.64
CA THR A 59 -5.02 17.45 -25.56
C THR A 59 -5.49 18.57 -26.48
N ALA A 60 -4.67 18.91 -27.48
CA ALA A 60 -4.96 20.03 -28.36
C ALA A 60 -6.23 19.81 -29.20
N ASP A 61 -6.66 18.56 -29.32
CA ASP A 61 -7.86 18.23 -30.08
C ASP A 61 -9.13 18.26 -29.21
N LEU A 62 -8.99 18.64 -27.94
CA LEU A 62 -10.14 18.72 -27.03
C LEU A 62 -10.45 20.16 -26.65
N PRO A 63 -11.34 20.81 -27.41
CA PRO A 63 -11.54 22.25 -27.25
C PRO A 63 -12.18 22.65 -25.92
N ASN A 64 -12.82 21.72 -25.23
CA ASN A 64 -13.53 22.05 -23.99
C ASN A 64 -12.76 21.65 -22.75
N LEU A 65 -11.47 21.38 -22.92
CA LEU A 65 -10.62 20.99 -21.80
C LEU A 65 -9.56 22.05 -21.55
N ARG A 66 -9.35 22.37 -20.28
CA ARG A 66 -8.24 23.26 -19.93
C ARG A 66 -7.48 22.68 -18.77
N VAL A 67 -6.28 23.20 -18.55
CA VAL A 67 -5.36 22.63 -17.56
C VAL A 67 -4.92 23.70 -16.57
N GLU A 68 -5.06 23.39 -15.28
CA GLU A 68 -4.64 24.33 -14.21
C GLU A 68 -4.01 23.56 -13.06
N SER A 69 -3.02 24.17 -12.40
CA SER A 69 -2.43 23.55 -11.22
C SER A 69 -3.07 24.03 -9.93
N GLY A 70 -2.83 23.31 -8.85
CA GLY A 70 -3.30 23.72 -7.54
C GLY A 70 -2.66 22.90 -6.44
N GLN A 71 -3.04 23.20 -5.21
CA GLN A 71 -2.59 22.44 -4.05
C GLN A 71 -3.67 22.54 -2.98
N GLY A 72 -3.47 21.83 -1.87
CA GLY A 72 -4.49 21.80 -0.83
C GLY A 72 -5.62 20.86 -1.18
N LEU A 73 -6.82 21.17 -0.71
CA LEU A 73 -7.97 20.30 -0.90
C LEU A 73 -8.49 20.34 -2.32
N LEU A 74 -8.58 19.16 -2.94
CA LEU A 74 -9.20 19.04 -4.24
C LEU A 74 -10.62 19.65 -4.26
N VAL A 75 -11.41 19.42 -3.21
CA VAL A 75 -12.79 19.90 -3.27
C VAL A 75 -12.86 21.44 -3.31
N ASP A 76 -11.86 22.11 -2.75
CA ASP A 76 -11.80 23.58 -2.86
C ASP A 76 -11.51 24.00 -4.30
N PHE A 77 -10.59 23.30 -4.96
CA PHE A 77 -10.28 23.57 -6.36
C PHE A 77 -11.53 23.40 -7.21
N VAL A 78 -12.25 22.31 -6.98
CA VAL A 78 -13.49 22.05 -7.72
C VAL A 78 -14.55 23.14 -7.45
N ARG A 79 -14.87 23.41 -6.19
CA ARG A 79 -15.97 24.35 -5.83
C ARG A 79 -15.65 25.80 -6.21
N GLU A 80 -14.38 26.18 -6.23
CA GLU A 80 -13.99 27.57 -6.60
C GLU A 80 -14.23 27.83 -8.11
N ARG A 81 -14.35 26.78 -8.92
CA ARG A 81 -14.63 26.89 -10.36
C ARG A 81 -16.13 26.70 -10.61
N GLY A 82 -16.92 26.64 -9.54
CA GLY A 82 -18.38 26.53 -9.64
C GLY A 82 -18.83 25.13 -10.08
N LEU A 83 -17.99 24.14 -9.85
CA LEU A 83 -18.33 22.75 -10.21
C LEU A 83 -18.51 21.90 -8.96
N ASN A 84 -19.00 20.68 -9.12
CA ASN A 84 -19.00 19.76 -7.99
C ASN A 84 -18.96 18.31 -8.43
N ALA A 85 -18.16 18.06 -9.48
CA ALA A 85 -17.89 16.68 -9.93
C ALA A 85 -16.40 16.46 -10.19
N ILE A 86 -15.93 15.28 -9.80
CA ILE A 86 -14.58 14.79 -10.06
C ILE A 86 -14.72 13.56 -10.95
N VAL A 87 -13.88 13.44 -11.97
CA VAL A 87 -13.81 12.21 -12.76
C VAL A 87 -12.43 11.61 -12.60
N LYS A 88 -12.40 10.38 -12.09
CA LYS A 88 -11.13 9.74 -11.77
C LYS A 88 -11.03 8.41 -12.50
N GLY A 89 -9.87 8.13 -13.08
CA GLY A 89 -9.67 6.89 -13.82
C GLY A 89 -9.30 5.71 -12.94
N LEU A 90 -9.67 4.51 -13.39
CA LEU A 90 -9.26 3.27 -12.72
C LEU A 90 -8.34 2.47 -13.65
N ARG A 91 -7.28 1.93 -13.08
CA ARG A 91 -6.35 1.11 -13.84
C ARG A 91 -5.98 -0.12 -13.02
N THR A 92 -5.24 -1.04 -13.62
CA THR A 92 -4.68 -2.14 -12.86
C THR A 92 -3.67 -1.61 -11.85
N GLY A 93 -3.87 -1.90 -10.57
CA GLY A 93 -3.00 -1.39 -9.52
C GLY A 93 -3.53 -0.16 -8.81
N THR A 94 -4.70 0.33 -9.24
CA THR A 94 -5.37 1.42 -8.52
C THR A 94 -5.72 0.93 -7.11
N ASP A 95 -5.43 1.73 -6.09
CA ASP A 95 -5.89 1.40 -4.74
C ASP A 95 -7.35 1.86 -4.65
N PHE A 96 -8.26 1.02 -5.10
CA PHE A 96 -9.67 1.48 -5.23
C PHE A 96 -10.31 1.77 -3.87
N GLU A 97 -9.94 1.00 -2.86
CA GLU A 97 -10.51 1.25 -1.53
C GLU A 97 -10.10 2.63 -1.04
N TYR A 98 -8.86 3.03 -1.29
CA TYR A 98 -8.44 4.38 -0.86
C TYR A 98 -9.23 5.41 -1.66
N GLU A 99 -9.42 5.17 -2.94
CA GLU A 99 -10.21 6.11 -3.75
C GLU A 99 -11.63 6.25 -3.23
N LEU A 100 -12.23 5.13 -2.82
CA LEU A 100 -13.58 5.15 -2.28
CA LEU A 100 -13.58 5.17 -2.29
C LEU A 100 -13.64 5.94 -0.98
N GLN A 101 -12.65 5.73 -0.12
CA GLN A 101 -12.56 6.48 1.13
C GLN A 101 -12.51 7.98 0.86
N MET A 102 -11.65 8.38 -0.08
CA MET A 102 -11.52 9.79 -0.42
C MET A 102 -12.80 10.34 -1.07
N ALA A 103 -13.46 9.53 -1.91
CA ALA A 103 -14.71 9.99 -2.52
C ALA A 103 -15.78 10.23 -1.47
N GLN A 104 -15.91 9.33 -0.50
CA GLN A 104 -16.93 9.51 0.54
C GLN A 104 -16.59 10.71 1.43
N MET A 105 -15.30 10.85 1.76
CA MET A 105 -14.89 12.03 2.53
C MET A 105 -15.19 13.33 1.78
N ASN A 106 -14.85 13.36 0.49
CA ASN A 106 -15.06 14.57 -0.33
C ASN A 106 -16.53 14.93 -0.48
N LYS A 107 -17.40 13.92 -0.58
CA LYS A 107 -18.85 14.19 -0.58
C LYS A 107 -19.29 14.76 0.77
N HIS A 108 -18.77 14.19 1.85
CA HIS A 108 -19.15 14.61 3.20
C HIS A 108 -18.79 16.06 3.48
N ILE A 109 -17.55 16.45 3.14
CA ILE A 109 -17.07 17.77 3.55
C ILE A 109 -17.46 18.88 2.57
N ALA A 110 -17.78 18.53 1.34
CA ALA A 110 -18.03 19.59 0.35
C ALA A 110 -19.16 19.31 -0.65
N GLY A 111 -19.81 18.16 -0.53
CA GLY A 111 -20.94 17.82 -1.39
C GLY A 111 -20.54 17.51 -2.82
N VAL A 112 -19.26 17.24 -3.04
CA VAL A 112 -18.73 17.00 -4.39
C VAL A 112 -18.85 15.51 -4.72
N ASP A 113 -19.33 15.20 -5.92
CA ASP A 113 -19.49 13.80 -6.38
C ASP A 113 -18.26 13.31 -7.12
N THR A 114 -17.95 12.01 -7.03
CA THR A 114 -16.82 11.43 -7.76
C THR A 114 -17.32 10.32 -8.66
N PHE A 115 -17.01 10.43 -9.96
CA PHE A 115 -17.35 9.41 -10.94
C PHE A 115 -16.09 8.69 -11.39
N PHE A 116 -16.09 7.37 -11.30
CA PHE A 116 -14.95 6.57 -11.71
C PHE A 116 -15.16 5.97 -13.08
N VAL A 117 -14.10 5.95 -13.90
CA VAL A 117 -14.20 5.29 -15.20
C VAL A 117 -12.95 4.44 -15.42
N ALA A 118 -13.18 3.23 -15.92
CA ALA A 118 -12.05 2.32 -16.17
C ALA A 118 -11.32 2.76 -17.44
N THR A 119 -10.01 2.83 -17.38
CA THR A 119 -9.28 3.21 -18.60
C THR A 119 -9.29 2.02 -19.58
N ALA A 120 -9.02 2.30 -20.84
CA ALA A 120 -8.98 1.26 -21.89
C ALA A 120 -8.00 0.15 -21.54
N PRO A 121 -8.32 -1.11 -21.87
CA PRO A 121 -7.41 -2.22 -21.54
C PRO A 121 -5.95 -1.98 -21.97
N ALA A 122 -5.76 -1.45 -23.18
CA ALA A 122 -4.40 -1.18 -23.68
C ALA A 122 -3.55 -0.28 -22.76
N TYR A 123 -4.20 0.62 -22.02
CA TYR A 123 -3.51 1.61 -21.20
C TYR A 123 -3.70 1.28 -19.73
N SER A 124 -4.17 0.08 -19.43
CA SER A 124 -4.58 -0.24 -18.07
C SER A 124 -3.44 -0.63 -17.13
N PHE A 125 -2.23 -0.86 -17.63
CA PHE A 125 -1.15 -1.26 -16.73
C PHE A 125 -0.06 -0.17 -16.65
N VAL A 126 -0.25 0.94 -17.35
CA VAL A 126 0.68 2.03 -17.22
C VAL A 126 0.29 2.91 -16.02
N SER A 127 1.31 3.36 -15.28
CA SER A 127 1.15 4.38 -14.27
C SER A 127 2.35 5.31 -14.42
N SER A 128 2.26 6.53 -13.91
CA SER A 128 3.40 7.44 -14.01
C SER A 128 4.62 6.83 -13.33
N SER A 129 4.41 6.29 -12.14
CA SER A 129 5.52 5.77 -11.35
CA SER A 129 5.51 5.75 -11.36
C SER A 129 6.14 4.52 -12.00
N LEU A 130 5.32 3.61 -12.51
CA LEU A 130 5.89 2.41 -13.13
C LEU A 130 6.56 2.75 -14.47
N ALA A 131 6.01 3.72 -15.19
CA ALA A 131 6.66 4.16 -16.43
C ALA A 131 8.04 4.73 -16.15
N LYS A 132 8.13 5.58 -15.12
CA LYS A 132 9.42 6.15 -14.76
C LYS A 132 10.40 5.06 -14.32
N GLU A 133 9.94 4.10 -13.54
CA GLU A 133 10.82 3.04 -13.04
C GLU A 133 11.35 2.18 -14.18
N VAL A 134 10.48 1.87 -15.14
CA VAL A 134 10.88 1.01 -16.24
C VAL A 134 11.84 1.75 -17.15
N ALA A 135 11.51 2.99 -17.46
CA ALA A 135 12.37 3.81 -18.33
C ALA A 135 13.74 4.05 -17.70
N THR A 136 13.78 4.13 -16.37
CA THR A 136 15.04 4.36 -15.63
C THR A 136 16.06 3.28 -15.95
N TYR A 137 15.55 2.06 -16.13
CA TYR A 137 16.43 0.94 -16.41
C TYR A 137 16.38 0.50 -17.86
N GLY A 138 15.93 1.40 -18.74
CA GLY A 138 16.02 1.19 -20.17
C GLY A 138 14.86 0.51 -20.87
N GLY A 139 13.77 0.21 -20.15
CA GLY A 139 12.67 -0.48 -20.79
C GLY A 139 11.88 0.46 -21.70
N ASP A 140 11.28 -0.11 -22.75
CA ASP A 140 10.59 0.68 -23.77
C ASP A 140 9.12 0.95 -23.40
N VAL A 141 8.86 2.19 -22.96
CA VAL A 141 7.50 2.59 -22.58
C VAL A 141 6.88 3.55 -23.61
N SER A 142 7.49 3.64 -24.79
CA SER A 142 7.06 4.63 -25.78
C SER A 142 5.61 4.45 -26.24
N ALA A 143 5.11 3.22 -26.20
CA ALA A 143 3.72 2.98 -26.63
C ALA A 143 2.70 3.37 -25.55
N LEU A 144 3.15 3.74 -24.36
CA LEU A 144 2.25 3.97 -23.23
C LEU A 144 2.15 5.43 -22.82
N LEU A 145 2.94 6.28 -23.48
CA LEU A 145 3.01 7.69 -23.17
C LEU A 145 2.79 8.51 -24.43
N PRO A 146 2.19 9.69 -24.29
CA PRO A 146 2.06 10.54 -25.48
C PRO A 146 3.41 11.02 -25.99
N ALA A 147 3.47 11.36 -27.27
CA ALA A 147 4.69 11.88 -27.88
C ALA A 147 5.20 13.10 -27.13
N SER A 148 4.29 13.87 -26.54
CA SER A 148 4.70 15.08 -25.81
C SER A 148 5.56 14.75 -24.59
N VAL A 149 5.58 13.47 -24.21
CA VAL A 149 6.19 13.03 -22.95
C VAL A 149 7.47 12.20 -23.12
N HIS A 150 7.47 11.27 -24.06
CA HIS A 150 8.44 10.18 -24.07
C HIS A 150 9.90 10.66 -24.08
N GLN A 151 10.25 11.51 -25.02
CA GLN A 151 11.63 11.95 -25.08
C GLN A 151 11.99 12.98 -24.01
N ARG A 152 11.01 13.72 -23.50
CA ARG A 152 11.27 14.58 -22.35
C ARG A 152 11.63 13.74 -21.13
N LEU A 153 10.92 12.63 -20.96
CA LEU A 153 11.23 11.66 -19.91
C LEU A 153 12.66 11.12 -20.04
N LEU A 154 13.02 10.65 -21.22
CA LEU A 154 14.39 10.14 -21.43
C LEU A 154 15.44 11.23 -21.15
N GLY A 155 15.10 12.47 -21.48
CA GLY A 155 15.95 13.61 -21.19
C GLY A 155 16.19 13.82 -19.71
N LYS A 156 15.13 13.74 -18.91
CA LYS A 156 15.26 13.84 -17.45
C LYS A 156 16.18 12.74 -16.91
N LEU A 157 15.96 11.52 -17.38
CA LEU A 157 16.70 10.37 -16.85
C LEU A 157 18.18 10.41 -17.21
N ARG A 158 18.51 11.04 -18.33
CA ARG A 158 19.91 11.15 -18.75
C ARG A 158 20.52 12.48 -18.31
N MET B 2 13.86 -27.55 -24.04
CA MET B 2 14.46 -27.07 -22.80
C MET B 2 13.70 -25.85 -22.25
N THR B 3 12.91 -26.08 -21.21
CA THR B 3 12.08 -25.04 -20.63
C THR B 3 12.77 -24.37 -19.44
N GLY B 4 12.23 -23.26 -18.96
CA GLY B 4 12.90 -22.57 -17.87
C GLY B 4 12.15 -21.37 -17.33
N ALA B 5 12.41 -21.05 -16.06
CA ALA B 5 11.78 -19.89 -15.45
C ALA B 5 12.69 -19.24 -14.40
N VAL B 6 12.41 -17.97 -14.14
CA VAL B 6 13.14 -17.21 -13.12
C VAL B 6 12.19 -16.92 -11.93
N CYS B 7 12.68 -17.15 -10.72
CA CYS B 7 11.95 -16.86 -9.47
C CYS B 7 12.63 -15.70 -8.78
N PRO B 8 12.04 -14.50 -8.86
CA PRO B 8 12.70 -13.29 -8.38
C PRO B 8 12.31 -12.92 -6.95
N GLY B 9 13.18 -12.19 -6.27
CA GLY B 9 12.81 -11.61 -4.99
C GLY B 9 14.00 -11.01 -4.29
N SER B 10 13.79 -10.41 -3.12
CA SER B 10 14.90 -9.91 -2.32
CA SER B 10 14.89 -9.90 -2.31
C SER B 10 15.38 -10.98 -1.35
N PHE B 11 14.48 -11.86 -0.94
CA PHE B 11 14.80 -12.99 -0.04
C PHE B 11 15.68 -12.57 1.15
N ASP B 12 15.15 -11.66 1.96
CA ASP B 12 15.93 -11.07 3.06
C ASP B 12 15.29 -11.30 4.42
N PRO B 13 15.27 -12.57 4.90
CA PRO B 13 15.82 -13.80 4.34
C PRO B 13 14.79 -14.66 3.60
N VAL B 14 15.26 -15.68 2.89
CA VAL B 14 14.38 -16.65 2.26
C VAL B 14 13.51 -17.34 3.32
N THR B 15 12.23 -17.57 2.99
CA THR B 15 11.31 -18.22 3.92
C THR B 15 10.85 -19.57 3.37
N LEU B 16 10.11 -20.32 4.18
CA LEU B 16 9.58 -21.59 3.69
C LEU B 16 8.49 -21.33 2.63
N GLY B 17 7.90 -20.14 2.66
CA GLY B 17 6.97 -19.75 1.60
C GLY B 17 7.69 -19.68 0.26
N HIS B 18 8.85 -19.01 0.24
CA HIS B 18 9.67 -18.95 -0.97
C HIS B 18 10.11 -20.34 -1.42
N LEU B 19 10.56 -21.14 -0.45
CA LEU B 19 11.10 -22.46 -0.78
C LEU B 19 10.04 -23.34 -1.44
N ASP B 20 8.80 -23.26 -0.93
CA ASP B 20 7.69 -24.04 -1.49
C ASP B 20 7.53 -23.69 -2.98
N VAL B 21 7.59 -22.39 -3.28
CA VAL B 21 7.47 -21.94 -4.66
C VAL B 21 8.66 -22.40 -5.51
N PHE B 22 9.88 -22.30 -4.98
CA PHE B 22 11.06 -22.77 -5.69
C PHE B 22 10.90 -24.24 -6.06
N GLU B 23 10.42 -25.02 -5.09
CA GLU B 23 10.27 -26.48 -5.30
C GLU B 23 9.29 -26.78 -6.42
N ARG B 24 8.19 -26.05 -6.46
CA ARG B 24 7.18 -26.28 -7.48
C ARG B 24 7.69 -25.84 -8.85
N ALA B 25 8.42 -24.73 -8.91
CA ALA B 25 9.03 -24.32 -10.17
C ALA B 25 10.03 -25.37 -10.66
N ALA B 26 10.86 -25.87 -9.74
CA ALA B 26 11.90 -26.82 -10.13
C ALA B 26 11.28 -28.15 -10.58
N ALA B 27 10.08 -28.44 -10.10
CA ALA B 27 9.40 -29.67 -10.49
C ALA B 27 8.79 -29.56 -11.89
N GLN B 28 8.55 -28.34 -12.36
CA GLN B 28 7.74 -28.15 -13.57
C GLN B 28 8.50 -27.55 -14.77
N PHE B 29 9.71 -27.04 -14.53
CA PHE B 29 10.55 -26.45 -15.58
C PHE B 29 11.93 -27.13 -15.60
N ASP B 30 12.55 -27.23 -16.78
CA ASP B 30 13.83 -27.96 -16.85
C ASP B 30 14.93 -27.25 -16.06
N GLU B 31 14.88 -25.91 -16.07
CA GLU B 31 15.86 -25.07 -15.41
C GLU B 31 15.17 -23.95 -14.64
N VAL B 32 15.60 -23.69 -13.41
CA VAL B 32 15.09 -22.56 -12.63
C VAL B 32 16.26 -21.71 -12.13
N ILE B 33 16.13 -20.39 -12.27
CA ILE B 33 17.11 -19.48 -11.70
C ILE B 33 16.43 -18.64 -10.66
N VAL B 34 16.95 -18.64 -9.44
CA VAL B 34 16.45 -17.75 -8.42
C VAL B 34 17.22 -16.45 -8.57
N ALA B 35 16.50 -15.34 -8.77
CA ALA B 35 17.16 -14.06 -8.99
C ALA B 35 17.07 -13.24 -7.72
N VAL B 36 18.22 -13.01 -7.10
CA VAL B 36 18.30 -12.25 -5.87
C VAL B 36 18.58 -10.77 -6.15
N LEU B 37 17.62 -9.90 -5.82
CA LEU B 37 17.72 -8.49 -6.15
C LEU B 37 18.83 -7.75 -5.40
N ILE B 38 19.68 -7.05 -6.14
CA ILE B 38 20.60 -6.09 -5.53
C ILE B 38 19.93 -4.72 -5.62
N ASN B 39 19.58 -4.15 -4.47
CA ASN B 39 19.00 -2.82 -4.45
C ASN B 39 19.89 -1.88 -3.66
N PRO B 40 20.69 -1.03 -4.34
CA PRO B 40 21.64 -0.16 -3.65
C PRO B 40 20.93 0.96 -2.88
N ASN B 41 19.59 0.97 -2.88
CA ASN B 41 18.87 2.00 -2.09
C ASN B 41 18.46 1.47 -0.71
N LYS B 42 19.08 0.35 -0.29
CA LYS B 42 18.94 -0.36 1.01
C LYS B 42 17.65 -1.20 1.07
N GLY B 44 18.90 -3.92 3.52
CA GLY B 44 18.34 -5.11 4.17
C GLY B 44 19.15 -5.56 5.36
N MET B 45 18.73 -6.69 5.92
CA MET B 45 19.39 -7.27 7.08
C MET B 45 20.59 -8.11 6.64
N PHE B 46 20.42 -8.85 5.55
CA PHE B 46 21.48 -9.72 5.04
C PHE B 46 22.11 -9.19 3.74
N THR B 47 23.41 -9.39 3.58
CA THR B 47 24.09 -9.02 2.34
C THR B 47 23.63 -9.95 1.22
N VAL B 48 23.89 -9.56 -0.03
CA VAL B 48 23.50 -10.38 -1.18
C VAL B 48 24.18 -11.74 -1.10
N ASP B 49 25.44 -11.76 -0.65
CA ASP B 49 26.15 -13.03 -0.57
C ASP B 49 25.53 -13.92 0.49
N GLU B 50 25.12 -13.31 1.59
CA GLU B 50 24.49 -14.10 2.66
C GLU B 50 23.14 -14.64 2.15
N ARG B 51 22.41 -13.81 1.41
CA ARG B 51 21.07 -14.25 0.92
C ARG B 51 21.24 -15.42 -0.05
N ILE B 52 22.22 -15.31 -0.94
CA ILE B 52 22.47 -16.37 -1.90
C ILE B 52 22.83 -17.67 -1.18
N GLU B 53 23.66 -17.55 -0.15
CA GLU B 53 24.13 -18.75 0.56
C GLU B 53 22.96 -19.41 1.29
N MET B 54 22.08 -18.61 1.90
CA MET B 54 20.91 -19.14 2.58
C MET B 54 19.98 -19.87 1.60
N ILE B 55 19.81 -19.33 0.41
CA ILE B 55 18.96 -19.97 -0.59
C ILE B 55 19.61 -21.29 -1.05
N ARG B 56 20.91 -21.27 -1.29
CA ARG B 56 21.61 -22.48 -1.73
C ARG B 56 21.52 -23.61 -0.72
N GLU B 57 21.67 -23.26 0.56
CA GLU B 57 21.52 -24.25 1.63
C GLU B 57 20.12 -24.86 1.59
N SER B 58 19.11 -24.02 1.35
CA SER B 58 17.73 -24.48 1.44
C SER B 58 17.29 -25.25 0.20
N THR B 59 18.01 -25.09 -0.89
CA THR B 59 17.66 -25.74 -2.18
C THR B 59 18.67 -26.79 -2.61
N ALA B 60 19.38 -27.35 -1.65
CA ALA B 60 20.43 -28.32 -1.94
C ALA B 60 19.94 -29.53 -2.73
N ASP B 61 18.67 -29.91 -2.55
CA ASP B 61 18.06 -31.07 -3.20
CA ASP B 61 18.18 -31.10 -3.25
C ASP B 61 17.50 -30.77 -4.58
N LEU B 62 17.69 -29.55 -5.07
CA LEU B 62 17.10 -29.15 -6.36
C LEU B 62 18.22 -28.94 -7.37
N PRO B 63 18.59 -29.99 -8.11
CA PRO B 63 19.79 -29.87 -8.96
C PRO B 63 19.61 -28.98 -10.16
N ASN B 64 18.36 -28.73 -10.57
CA ASN B 64 18.11 -27.94 -11.77
C ASN B 64 17.81 -26.47 -11.44
N LEU B 65 18.01 -26.12 -10.18
CA LEU B 65 17.81 -24.74 -9.73
C LEU B 65 19.14 -24.10 -9.39
N ARG B 66 19.40 -22.87 -9.82
CA ARG B 66 20.62 -22.20 -9.39
C ARG B 66 20.27 -20.81 -8.89
N VAL B 67 21.17 -20.20 -8.14
CA VAL B 67 20.91 -18.90 -7.51
C VAL B 67 21.90 -17.86 -8.04
N GLU B 68 21.38 -16.71 -8.48
CA GLU B 68 22.22 -15.63 -8.99
C GLU B 68 21.68 -14.27 -8.53
N SER B 69 22.57 -13.30 -8.39
CA SER B 69 22.13 -11.94 -8.08
C SER B 69 21.88 -11.16 -9.36
N GLY B 70 21.05 -10.13 -9.28
CA GLY B 70 20.76 -9.33 -10.45
C GLY B 70 20.43 -7.91 -10.03
N GLN B 71 20.65 -6.98 -10.96
CA GLN B 71 20.34 -5.58 -10.73
C GLN B 71 19.55 -5.04 -11.91
N GLY B 72 18.73 -4.02 -11.67
CA GLY B 72 17.98 -3.39 -12.76
C GLY B 72 16.71 -4.12 -13.18
N LEU B 73 16.40 -4.11 -14.47
CA LEU B 73 15.14 -4.66 -14.98
C LEU B 73 15.09 -6.18 -14.94
N LEU B 74 14.07 -6.72 -14.28
CA LEU B 74 13.89 -8.16 -14.20
C LEU B 74 13.83 -8.82 -15.58
N VAL B 75 13.13 -8.20 -16.54
CA VAL B 75 12.97 -8.86 -17.84
C VAL B 75 14.30 -8.94 -18.58
N ASP B 76 15.22 -8.01 -18.33
CA ASP B 76 16.54 -8.13 -18.94
C ASP B 76 17.28 -9.33 -18.34
N PHE B 77 17.17 -9.50 -17.03
CA PHE B 77 17.80 -10.63 -16.34
C PHE B 77 17.30 -11.93 -16.94
N VAL B 78 15.98 -12.00 -17.13
CA VAL B 78 15.34 -13.18 -17.70
C VAL B 78 15.81 -13.45 -19.14
N ARG B 79 15.73 -12.45 -19.99
CA ARG B 79 16.07 -12.61 -21.42
C ARG B 79 17.57 -12.86 -21.64
N GLU B 80 18.40 -12.28 -20.80
CA GLU B 80 19.85 -12.47 -20.91
C GLU B 80 20.25 -13.93 -20.68
N ARG B 81 19.40 -14.66 -19.97
CA ARG B 81 19.67 -16.07 -19.70
C ARG B 81 18.90 -16.97 -20.66
N GLY B 82 18.33 -16.37 -21.71
CA GLY B 82 17.68 -17.12 -22.77
C GLY B 82 16.32 -17.69 -22.41
N LEU B 83 15.71 -17.13 -21.38
CA LEU B 83 14.38 -17.55 -20.93
C LEU B 83 13.37 -16.45 -21.17
N ASN B 84 12.08 -16.74 -20.99
CA ASN B 84 11.07 -15.68 -21.03
C ASN B 84 9.85 -16.03 -20.18
N ALA B 85 10.12 -16.60 -19.01
CA ALA B 85 9.09 -16.88 -18.02
C ALA B 85 9.56 -16.52 -16.63
N ILE B 86 8.66 -15.94 -15.86
CA ILE B 86 8.84 -15.64 -14.45
C ILE B 86 7.84 -16.47 -13.63
N VAL B 87 8.27 -17.06 -12.52
CA VAL B 87 7.32 -17.71 -11.60
C VAL B 87 7.34 -16.97 -10.27
N LYS B 88 6.18 -16.45 -9.87
CA LYS B 88 6.05 -15.61 -8.66
C LYS B 88 5.07 -16.24 -7.69
N GLY B 89 5.41 -16.28 -6.40
CA GLY B 89 4.48 -16.88 -5.44
C GLY B 89 3.45 -15.89 -4.94
N LEU B 90 2.29 -16.39 -4.56
CA LEU B 90 1.27 -15.59 -3.87
C LEU B 90 1.12 -16.05 -2.41
N ARG B 91 0.94 -15.09 -1.52
CA ARG B 91 0.70 -15.42 -0.12
C ARG B 91 -0.37 -14.48 0.40
N THR B 92 -0.78 -14.66 1.65
CA THR B 92 -1.67 -13.70 2.32
C THR B 92 -0.91 -12.39 2.50
N GLY B 93 -1.47 -11.31 1.98
CA GLY B 93 -0.81 -10.01 2.06
C GLY B 93 -0.08 -9.62 0.78
N THR B 94 -0.02 -10.51 -0.19
CA THR B 94 0.50 -10.14 -1.51
C THR B 94 -0.38 -9.03 -2.11
N ASP B 95 0.27 -8.00 -2.64
CA ASP B 95 -0.47 -6.95 -3.36
C ASP B 95 -0.67 -7.49 -4.78
N PHE B 96 -1.76 -8.23 -4.98
CA PHE B 96 -1.87 -8.96 -6.24
C PHE B 96 -2.16 -8.02 -7.41
N GLU B 97 -2.85 -6.92 -7.14
CA GLU B 97 -3.17 -5.98 -8.24
C GLU B 97 -1.85 -5.39 -8.74
N TYR B 98 -0.93 -5.12 -7.85
CA TYR B 98 0.35 -4.58 -8.29
C TYR B 98 1.15 -5.64 -9.05
N GLU B 99 1.11 -6.89 -8.60
CA GLU B 99 1.77 -7.98 -9.34
C GLU B 99 1.19 -8.12 -10.74
N LEU B 100 -0.13 -7.97 -10.87
CA LEU B 100 -0.77 -8.08 -12.18
C LEU B 100 -0.32 -6.92 -13.08
N GLN B 101 -0.30 -5.71 -12.52
CA GLN B 101 0.21 -4.56 -13.27
C GLN B 101 1.61 -4.83 -13.80
N MET B 102 2.52 -5.26 -12.92
CA MET B 102 3.88 -5.55 -13.33
C MET B 102 3.95 -6.68 -14.36
N ALA B 103 3.12 -7.71 -14.21
CA ALA B 103 3.14 -8.80 -15.18
C ALA B 103 2.74 -8.33 -16.58
N GLN B 104 1.69 -7.53 -16.66
CA GLN B 104 1.23 -7.00 -17.95
C GLN B 104 2.30 -6.06 -18.52
N MET B 105 2.91 -5.23 -17.69
CA MET B 105 4.03 -4.37 -18.14
C MET B 105 5.19 -5.22 -18.68
N ASN B 106 5.56 -6.24 -17.91
CA ASN B 106 6.70 -7.08 -18.30
C ASN B 106 6.45 -7.83 -19.61
N LYS B 107 5.22 -8.29 -19.82
CA LYS B 107 4.86 -8.91 -21.11
C LYS B 107 4.94 -7.89 -22.25
N HIS B 108 4.42 -6.69 -22.01
CA HIS B 108 4.43 -5.64 -23.02
C HIS B 108 5.83 -5.25 -23.45
N ILE B 109 6.71 -5.02 -22.49
CA ILE B 109 8.01 -4.46 -22.81
C ILE B 109 9.03 -5.52 -23.25
N ALA B 110 8.79 -6.79 -22.96
CA ALA B 110 9.81 -7.79 -23.30
C ALA B 110 9.28 -9.15 -23.74
N GLY B 111 7.96 -9.34 -23.73
CA GLY B 111 7.39 -10.61 -24.14
C GLY B 111 7.59 -11.72 -23.13
N VAL B 112 7.84 -11.35 -21.89
CA VAL B 112 8.06 -12.32 -20.82
C VAL B 112 6.74 -12.64 -20.11
N ASP B 113 6.42 -13.93 -19.98
CA ASP B 113 5.21 -14.38 -19.29
C ASP B 113 5.45 -14.49 -17.79
N THR B 114 4.42 -14.26 -16.98
CA THR B 114 4.50 -14.45 -15.54
C THR B 114 3.46 -15.46 -15.09
N PHE B 115 3.91 -16.53 -14.44
CA PHE B 115 3.02 -17.54 -13.88
C PHE B 115 2.99 -17.37 -12.37
N PHE B 116 1.79 -17.28 -11.80
CA PHE B 116 1.65 -17.16 -10.35
C PHE B 116 1.25 -18.49 -9.71
N VAL B 117 1.82 -18.81 -8.55
CA VAL B 117 1.44 -20.00 -7.81
C VAL B 117 1.25 -19.66 -6.33
N ALA B 118 0.14 -20.12 -5.75
CA ALA B 118 -0.13 -19.87 -4.34
C ALA B 118 0.73 -20.75 -3.46
N THR B 119 1.37 -20.17 -2.47
CA THR B 119 2.17 -21.02 -1.58
C THR B 119 1.22 -21.89 -0.74
N ALA B 120 1.74 -22.93 -0.12
CA ALA B 120 0.93 -23.83 0.68
C ALA B 120 0.35 -23.08 1.87
N PRO B 121 -0.83 -23.50 2.32
CA PRO B 121 -1.50 -22.80 3.42
C PRO B 121 -0.61 -22.62 4.67
N ALA B 122 0.19 -23.63 5.01
CA ALA B 122 1.05 -23.55 6.19
C ALA B 122 2.05 -22.39 6.13
N TYR B 123 2.45 -22.01 4.93
CA TYR B 123 3.49 -20.99 4.75
C TYR B 123 2.91 -19.71 4.19
N SER B 124 1.58 -19.60 4.23
CA SER B 124 0.90 -18.50 3.54
C SER B 124 0.89 -17.15 4.29
N PHE B 125 1.27 -17.12 5.55
CA PHE B 125 1.23 -15.86 6.29
C PHE B 125 2.63 -15.38 6.66
N VAL B 126 3.66 -16.10 6.24
CA VAL B 126 5.02 -15.64 6.53
C VAL B 126 5.48 -14.74 5.38
N SER B 127 6.22 -13.70 5.73
CA SER B 127 6.93 -12.89 4.75
C SER B 127 8.27 -12.58 5.39
N SER B 128 9.26 -12.20 4.57
CA SER B 128 10.57 -11.88 5.13
C SER B 128 10.44 -10.75 6.15
N SER B 129 9.65 -9.73 5.82
CA SER B 129 9.49 -8.56 6.69
C SER B 129 8.82 -8.92 8.02
N LEU B 130 7.73 -9.67 7.94
CA LEU B 130 7.00 -9.99 9.16
C LEU B 130 7.81 -10.96 10.02
N ALA B 131 8.55 -11.88 9.40
CA ALA B 131 9.40 -12.80 10.16
C ALA B 131 10.47 -12.04 10.94
N LYS B 132 11.14 -11.10 10.28
CA LYS B 132 12.16 -10.31 10.97
C LYS B 132 11.54 -9.51 12.11
N GLU B 133 10.38 -8.91 11.85
CA GLU B 133 9.72 -8.09 12.86
C GLU B 133 9.37 -8.90 14.11
N VAL B 134 8.75 -10.06 13.91
CA VAL B 134 8.39 -10.93 15.02
C VAL B 134 9.64 -11.42 15.79
N ALA B 135 10.66 -11.87 15.06
CA ALA B 135 11.87 -12.38 15.70
C ALA B 135 12.59 -11.32 16.53
N THR B 136 12.61 -10.09 16.01
CA THR B 136 13.24 -8.97 16.72
C THR B 136 12.70 -8.83 18.13
N TYR B 137 11.42 -9.12 18.31
CA TYR B 137 10.80 -8.98 19.62
C TYR B 137 10.66 -10.31 20.34
N GLY B 138 11.36 -11.34 19.86
CA GLY B 138 11.44 -12.60 20.56
C GLY B 138 10.33 -13.59 20.25
N GLY B 139 9.59 -13.34 19.17
CA GLY B 139 8.58 -14.31 18.73
C GLY B 139 9.26 -15.45 18.02
N ASP B 140 8.64 -16.64 18.08
CA ASP B 140 9.23 -17.85 17.52
C ASP B 140 8.71 -18.14 16.11
N VAL B 141 9.54 -17.88 15.11
CA VAL B 141 9.18 -18.12 13.72
C VAL B 141 9.97 -19.29 13.12
N SER B 142 10.46 -20.18 13.98
CA SER B 142 11.28 -21.30 13.51
C SER B 142 10.51 -22.31 12.65
N ALA B 143 9.18 -22.33 12.74
CA ALA B 143 8.38 -23.26 11.94
C ALA B 143 8.15 -22.72 10.53
N LEU B 144 8.57 -21.48 10.31
CA LEU B 144 8.27 -20.75 9.09
C LEU B 144 9.48 -20.46 8.21
N LEU B 145 10.67 -20.80 8.71
CA LEU B 145 11.93 -20.56 8.01
C LEU B 145 12.74 -21.85 7.91
N PRO B 146 13.60 -21.98 6.88
CA PRO B 146 14.53 -23.12 6.92
C PRO B 146 15.41 -23.03 8.16
N ALA B 147 15.89 -24.18 8.65
CA ALA B 147 16.62 -24.24 9.91
C ALA B 147 17.87 -23.37 9.92
N SER B 148 18.62 -23.41 8.81
CA SER B 148 19.86 -22.65 8.72
C SER B 148 19.59 -21.14 8.73
N VAL B 149 18.47 -20.76 8.12
CA VAL B 149 18.05 -19.36 8.11
C VAL B 149 17.74 -18.86 9.51
N HIS B 150 16.97 -19.64 10.27
CA HIS B 150 16.56 -19.24 11.61
C HIS B 150 17.79 -19.06 12.50
N GLN B 151 18.78 -19.92 12.31
CA GLN B 151 20.02 -19.84 13.05
C GLN B 151 20.77 -18.52 12.79
N ARG B 152 20.86 -18.13 11.52
CA ARG B 152 21.54 -16.89 11.15
C ARG B 152 20.78 -15.65 11.62
N LEU B 153 19.46 -15.72 11.56
CA LEU B 153 18.58 -14.62 11.96
C LEU B 153 18.81 -14.28 13.42
N LEU B 154 18.84 -15.31 14.28
CA LEU B 154 19.12 -15.12 15.69
C LEU B 154 20.48 -14.45 15.88
N GLY B 155 21.44 -14.85 15.07
CA GLY B 155 22.80 -14.29 15.17
C GLY B 155 22.84 -12.83 14.79
N LYS B 156 22.06 -12.43 13.79
CA LYS B 156 22.05 -11.01 13.37
C LYS B 156 21.38 -10.16 14.44
N LEU B 157 20.38 -10.70 15.13
CA LEU B 157 19.64 -9.91 16.15
C LEU B 157 20.47 -9.88 17.44
N ARG B 158 21.19 -10.95 17.74
CA ARG B 158 22.00 -10.98 18.96
C ARG B 158 23.38 -10.39 18.71
N MET C 2 -15.12 -14.45 32.82
CA MET C 2 -13.86 -13.71 32.76
C MET C 2 -13.37 -13.48 31.32
N THR C 3 -14.24 -12.95 30.48
CA THR C 3 -13.88 -12.78 29.07
C THR C 3 -13.20 -11.44 28.86
N GLY C 4 -12.45 -11.30 27.76
CA GLY C 4 -11.77 -10.05 27.50
C GLY C 4 -11.11 -9.94 26.15
N ALA C 5 -10.98 -8.72 25.67
CA ALA C 5 -10.30 -8.47 24.40
C ALA C 5 -9.48 -7.18 24.45
N VAL C 6 -8.49 -7.12 23.56
CA VAL C 6 -7.64 -5.95 23.39
C VAL C 6 -7.94 -5.27 22.06
N CYS C 7 -8.15 -3.95 22.07
CA CYS C 7 -8.34 -3.13 20.87
C CYS C 7 -7.12 -2.27 20.61
N PRO C 8 -6.31 -2.65 19.61
CA PRO C 8 -5.01 -2.02 19.36
C PRO C 8 -5.08 -0.91 18.31
N GLY C 9 -4.13 0.02 18.38
CA GLY C 9 -4.01 1.04 17.36
C GLY C 9 -3.03 2.10 17.79
N SER C 10 -2.76 3.06 16.90
CA SER C 10 -1.95 4.20 17.28
C SER C 10 -2.86 5.33 17.74
N PHE C 11 -4.08 5.39 17.19
CA PHE C 11 -5.10 6.35 17.62
C PHE C 11 -4.56 7.78 17.67
N ASP C 12 -4.15 8.29 16.51
CA ASP C 12 -3.46 9.58 16.46
C ASP C 12 -4.17 10.59 15.56
N PRO C 13 -5.35 11.07 15.97
CA PRO C 13 -6.08 10.80 17.20
C PRO C 13 -7.15 9.73 17.04
N VAL C 14 -7.72 9.30 18.15
CA VAL C 14 -8.90 8.43 18.14
C VAL C 14 -10.04 9.10 17.34
N THR C 15 -10.75 8.31 16.55
CA THR C 15 -11.89 8.79 15.76
C THR C 15 -13.19 8.17 16.25
N LEU C 16 -14.33 8.61 15.72
CA LEU C 16 -15.61 7.97 16.06
C LEU C 16 -15.68 6.56 15.49
N GLY C 17 -14.91 6.30 14.42
CA GLY C 17 -14.79 4.94 13.91
C GLY C 17 -14.18 4.02 14.96
N HIS C 18 -13.12 4.47 15.60
CA HIS C 18 -12.48 3.69 16.67
C HIS C 18 -13.44 3.54 17.85
N LEU C 19 -14.11 4.63 18.22
CA LEU C 19 -14.97 4.62 19.39
C LEU C 19 -16.13 3.64 19.20
N ASP C 20 -16.67 3.60 17.99
CA ASP C 20 -17.73 2.65 17.66
C ASP C 20 -17.27 1.22 17.95
N VAL C 21 -16.08 0.88 17.51
CA VAL C 21 -15.52 -0.46 17.75
C VAL C 21 -15.30 -0.71 19.25
N PHE C 22 -14.76 0.27 19.97
CA PHE C 22 -14.58 0.16 21.42
C PHE C 22 -15.90 -0.19 22.10
N GLU C 23 -16.95 0.51 21.70
CA GLU C 23 -18.26 0.34 22.32
C GLU C 23 -18.80 -1.07 22.08
N ARG C 24 -18.58 -1.59 20.88
CA ARG C 24 -19.08 -2.92 20.56
C ARG C 24 -18.28 -3.98 21.32
N ALA C 25 -16.96 -3.81 21.36
CA ALA C 25 -16.13 -4.72 22.14
C ALA C 25 -16.54 -4.70 23.61
N ALA C 26 -16.75 -3.50 24.15
CA ALA C 26 -17.14 -3.37 25.56
C ALA C 26 -18.52 -3.98 25.85
N ALA C 27 -19.37 -4.04 24.84
CA ALA C 27 -20.71 -4.62 24.99
C ALA C 27 -20.70 -6.15 24.92
N GLN C 28 -19.65 -6.74 24.39
CA GLN C 28 -19.63 -8.19 24.15
C GLN C 28 -18.58 -8.96 24.93
N PHE C 29 -17.66 -8.26 25.60
CA PHE C 29 -16.63 -8.90 26.43
C PHE C 29 -16.66 -8.29 27.83
N ASP C 30 -16.34 -9.07 28.86
CA ASP C 30 -16.39 -8.55 30.22
C ASP C 30 -15.37 -7.42 30.44
N GLU C 31 -14.24 -7.52 29.78
CA GLU C 31 -13.12 -6.61 30.00
C GLU C 31 -12.51 -6.18 28.66
N VAL C 32 -12.27 -4.88 28.48
CA VAL C 32 -11.62 -4.42 27.26
C VAL C 32 -10.40 -3.55 27.58
N ILE C 33 -9.29 -3.80 26.90
CA ILE C 33 -8.13 -2.92 27.02
C ILE C 33 -7.82 -2.29 25.68
N VAL C 34 -7.82 -0.96 25.64
CA VAL C 34 -7.37 -0.27 24.45
C VAL C 34 -5.85 -0.14 24.52
N ALA C 35 -5.17 -0.71 23.54
CA ALA C 35 -3.71 -0.72 23.52
C ALA C 35 -3.19 0.35 22.58
N VAL C 36 -2.53 1.35 23.15
CA VAL C 36 -2.02 2.47 22.37
C VAL C 36 -0.55 2.25 22.03
N LEU C 37 -0.25 2.19 20.74
CA LEU C 37 1.09 1.86 20.30
C LEU C 37 2.11 2.98 20.57
N ILE C 38 3.19 2.63 21.26
CA ILE C 38 4.37 3.48 21.30
C ILE C 38 5.29 3.02 20.18
N ASN C 39 5.52 3.88 19.18
CA ASN C 39 6.32 3.48 18.02
C ASN C 39 7.14 4.62 17.40
N PRO C 40 8.32 4.88 17.96
CA PRO C 40 9.21 5.94 17.45
C PRO C 40 9.90 5.55 16.14
N LYS C 42 7.29 6.28 14.07
CA LYS C 42 7.06 7.67 13.75
C LYS C 42 6.23 8.37 14.82
N ALA C 43 6.82 9.37 15.47
CA ALA C 43 6.05 10.26 16.33
C ALA C 43 4.99 10.92 15.47
N GLY C 44 3.74 10.86 15.91
CA GLY C 44 2.66 11.43 15.13
C GLY C 44 2.41 12.87 15.50
N MET C 45 1.13 13.23 15.58
CA MET C 45 0.71 14.56 15.96
C MET C 45 0.59 14.67 17.47
N PHE C 46 0.06 13.63 18.09
CA PHE C 46 -0.12 13.63 19.54
C PHE C 46 0.85 12.69 20.25
N THR C 47 1.30 13.11 21.44
CA THR C 47 2.12 12.25 22.29
C THR C 47 1.28 11.10 22.81
N VAL C 48 1.93 10.05 23.31
CA VAL C 48 1.21 8.89 23.83
C VAL C 48 0.27 9.29 24.96
N ASP C 49 0.73 10.18 25.84
CA ASP C 49 -0.12 10.64 26.94
C ASP C 49 -1.35 11.37 26.42
N GLU C 50 -1.17 12.20 25.40
CA GLU C 50 -2.29 12.94 24.78
C GLU C 50 -3.27 11.93 24.16
N ARG C 51 -2.75 10.94 23.45
CA ARG C 51 -3.65 9.95 22.80
C ARG C 51 -4.43 9.18 23.87
N ILE C 52 -3.76 8.80 24.94
CA ILE C 52 -4.46 8.06 26.03
C ILE C 52 -5.54 8.94 26.62
N GLU C 53 -5.19 10.18 26.96
CA GLU C 53 -6.17 11.09 27.54
C GLU C 53 -7.40 11.24 26.66
N MET C 54 -7.20 11.40 25.35
CA MET C 54 -8.32 11.63 24.44
C MET C 54 -9.24 10.40 24.39
N ILE C 55 -8.65 9.22 24.43
CA ILE C 55 -9.45 7.99 24.45
C ILE C 55 -10.21 7.85 25.78
N ARG C 56 -9.52 8.11 26.90
CA ARG C 56 -10.17 8.05 28.21
C ARG C 56 -11.36 9.02 28.29
N GLU C 57 -11.18 10.23 27.75
CA GLU C 57 -12.24 11.22 27.74
C GLU C 57 -13.45 10.72 26.97
N SER C 58 -13.20 10.00 25.88
CA SER C 58 -14.27 9.59 24.96
C SER C 58 -14.94 8.28 25.37
N THR C 59 -14.35 7.58 26.33
CA THR C 59 -14.88 6.28 26.74
C THR C 59 -15.32 6.28 28.20
N ALA C 60 -15.67 7.46 28.72
CA ALA C 60 -16.02 7.58 30.13
C ALA C 60 -17.27 6.79 30.49
N ASP C 61 -18.14 6.53 29.52
CA ASP C 61 -19.37 5.78 29.76
C ASP C 61 -19.16 4.27 29.63
N LEU C 62 -17.92 3.84 29.42
CA LEU C 62 -17.62 2.41 29.31
C LEU C 62 -16.81 1.95 30.52
N PRO C 63 -17.50 1.48 31.56
CA PRO C 63 -16.85 1.15 32.85
C PRO C 63 -15.89 -0.03 32.78
N ASN C 64 -16.08 -0.92 31.81
CA ASN C 64 -15.24 -2.12 31.73
C ASN C 64 -14.12 -1.97 30.71
N LEU C 65 -13.87 -0.73 30.30
CA LEU C 65 -12.78 -0.45 29.36
C LEU C 65 -11.69 0.38 30.03
N ARG C 66 -10.43 0.01 29.80
CA ARG C 66 -9.30 0.81 30.26
C ARG C 66 -8.31 1.03 29.11
N VAL C 67 -7.42 2.00 29.28
CA VAL C 67 -6.51 2.42 28.22
C VAL C 67 -5.08 2.36 28.70
N GLU C 68 -4.23 1.65 27.95
CA GLU C 68 -2.84 1.46 28.33
C GLU C 68 -1.95 1.52 27.10
N SER C 69 -0.73 2.04 27.26
CA SER C 69 0.20 2.08 26.14
C SER C 69 1.03 0.80 26.12
N GLY C 70 1.61 0.49 24.98
CA GLY C 70 2.49 -0.65 24.86
C GLY C 70 3.46 -0.49 23.72
N GLN C 71 4.55 -1.26 23.75
CA GLN C 71 5.43 -1.37 22.59
C GLN C 71 5.84 -2.83 22.43
N GLY C 72 6.45 -3.16 21.30
CA GLY C 72 6.80 -4.56 21.04
C GLY C 72 5.62 -5.34 20.47
N LEU C 73 5.66 -6.66 20.59
CA LEU C 73 4.61 -7.51 20.00
C LEU C 73 3.27 -7.30 20.64
N LEU C 74 2.24 -7.11 19.82
CA LEU C 74 0.89 -6.98 20.35
C LEU C 74 0.50 -8.23 21.14
N VAL C 75 0.92 -9.41 20.66
CA VAL C 75 0.49 -10.63 21.34
C VAL C 75 1.07 -10.69 22.75
N ASP C 76 2.25 -10.09 22.95
CA ASP C 76 2.82 -10.04 24.29
C ASP C 76 1.99 -9.12 25.18
N PHE C 77 1.56 -7.99 24.63
CA PHE C 77 0.69 -7.08 25.35
C PHE C 77 -0.59 -7.79 25.82
N VAL C 78 -1.20 -8.53 24.89
CA VAL C 78 -2.42 -9.27 25.16
C VAL C 78 -2.22 -10.37 26.21
N ARG C 79 -1.24 -11.23 26.00
CA ARG C 79 -0.99 -12.40 26.89
C ARG C 79 -0.56 -11.96 28.29
N GLU C 80 0.26 -10.94 28.39
CA GLU C 80 0.73 -10.48 29.70
C GLU C 80 -0.41 -9.93 30.56
N ARG C 81 -1.57 -9.72 29.96
CA ARG C 81 -2.75 -9.29 30.70
C ARG C 81 -3.77 -10.43 30.90
N GLY C 82 -3.36 -11.66 30.59
CA GLY C 82 -4.19 -12.82 30.83
C GLY C 82 -5.22 -13.10 29.76
N LEU C 83 -5.15 -12.38 28.64
CA LEU C 83 -6.14 -12.52 27.57
C LEU C 83 -5.54 -13.19 26.35
N ASN C 84 -6.39 -13.56 25.40
CA ASN C 84 -5.90 -14.06 24.10
C ASN C 84 -6.87 -13.75 22.96
N ALA C 85 -7.45 -12.54 22.99
CA ALA C 85 -8.30 -12.06 21.90
C ALA C 85 -8.01 -10.60 21.60
N ILE C 86 -8.00 -10.29 20.30
CA ILE C 86 -7.89 -8.94 19.77
C ILE C 86 -9.20 -8.63 19.05
N VAL C 87 -9.72 -7.41 19.23
CA VAL C 87 -10.83 -6.96 18.41
C VAL C 87 -10.35 -5.80 17.55
N LYS C 88 -10.44 -5.97 16.23
CA LYS C 88 -9.95 -4.99 15.28
C LYS C 88 -11.08 -4.49 14.38
N GLY C 89 -11.17 -3.18 14.20
CA GLY C 89 -12.19 -2.60 13.34
C GLY C 89 -11.81 -2.60 11.86
N LEU C 90 -12.81 -2.72 11.00
CA LEU C 90 -12.63 -2.58 9.56
C LEU C 90 -13.31 -1.31 9.08
N ARG C 91 -12.67 -0.59 8.17
CA ARG C 91 -13.27 0.61 7.59
C ARG C 91 -12.99 0.61 6.11
N THR C 92 -13.50 1.61 5.40
CA THR C 92 -13.16 1.77 3.99
C THR C 92 -11.70 2.18 3.92
N GLY C 93 -10.87 1.39 3.25
CA GLY C 93 -9.45 1.70 3.17
C GLY C 93 -8.56 0.85 4.05
N THR C 94 -9.18 0.03 4.91
CA THR C 94 -8.44 -0.98 5.68
C THR C 94 -7.70 -1.92 4.71
N ASP C 95 -6.41 -2.13 4.95
CA ASP C 95 -5.66 -3.14 4.20
C ASP C 95 -5.99 -4.50 4.83
N PHE C 96 -7.12 -5.09 4.43
CA PHE C 96 -7.61 -6.31 5.09
C PHE C 96 -6.69 -7.51 4.88
N GLU C 97 -6.09 -7.60 3.70
CA GLU C 97 -5.16 -8.72 3.41
C GLU C 97 -4.02 -8.68 4.41
N TYR C 98 -3.47 -7.50 4.66
CA TYR C 98 -2.38 -7.40 5.66
C TYR C 98 -2.93 -7.75 7.04
N GLU C 99 -4.13 -7.28 7.37
CA GLU C 99 -4.70 -7.64 8.68
C GLU C 99 -4.85 -9.16 8.83
N LEU C 100 -5.26 -9.84 7.75
CA LEU C 100 -5.42 -11.29 7.79
C LEU C 100 -4.06 -11.96 8.00
N GLN C 101 -3.04 -11.44 7.32
CA GLN C 101 -1.69 -12.00 7.47
C GLN C 101 -1.23 -11.90 8.92
N MET C 102 -1.44 -10.73 9.52
CA MET C 102 -1.02 -10.51 10.89
C MET C 102 -1.83 -11.38 11.85
N ALA C 103 -3.12 -11.56 11.56
CA ALA C 103 -3.96 -12.37 12.44
C ALA C 103 -3.49 -13.82 12.45
N GLN C 104 -3.16 -14.34 11.27
CA GLN C 104 -2.72 -15.74 11.20
C GLN C 104 -1.35 -15.90 11.88
N MET C 105 -0.48 -14.90 11.72
CA MET C 105 0.81 -14.94 12.40
C MET C 105 0.63 -14.87 13.92
N ASN C 106 -0.26 -14.00 14.38
CA ASN C 106 -0.46 -13.83 15.81
C ASN C 106 -1.08 -15.07 16.46
N LYS C 107 -1.93 -15.77 15.73
CA LYS C 107 -2.48 -17.05 16.20
C LYS C 107 -1.37 -18.10 16.26
N HIS C 108 -0.53 -18.11 15.23
CA HIS C 108 0.57 -19.09 15.17
C HIS C 108 1.57 -18.92 16.31
N ILE C 109 2.02 -17.70 16.55
CA ILE C 109 3.12 -17.51 17.50
C ILE C 109 2.65 -17.46 18.95
N ALA C 110 1.37 -17.21 19.19
CA ALA C 110 0.94 -16.98 20.58
C ALA C 110 -0.46 -17.50 20.92
N GLY C 111 -1.15 -18.11 19.96
CA GLY C 111 -2.49 -18.64 20.21
C GLY C 111 -3.56 -17.58 20.45
N VAL C 112 -3.27 -16.36 20.01
CA VAL C 112 -4.23 -15.24 20.16
C VAL C 112 -5.17 -15.16 18.95
N ASP C 113 -6.48 -15.13 19.22
CA ASP C 113 -7.51 -14.96 18.19
C ASP C 113 -7.70 -13.50 17.83
N THR C 114 -8.04 -13.22 16.57
CA THR C 114 -8.40 -11.86 16.17
C THR C 114 -9.83 -11.85 15.61
N PHE C 115 -10.68 -11.01 16.19
CA PHE C 115 -12.04 -10.85 15.70
C PHE C 115 -12.14 -9.52 15.00
N PHE C 116 -12.65 -9.54 13.77
CA PHE C 116 -12.85 -8.30 13.02
C PHE C 116 -14.30 -7.84 13.06
N VAL C 117 -14.51 -6.53 13.21
CA VAL C 117 -15.86 -5.99 13.15
C VAL C 117 -15.88 -4.74 12.27
N ALA C 118 -16.86 -4.64 11.39
CA ALA C 118 -16.99 -3.45 10.53
C ALA C 118 -17.54 -2.26 11.30
N THR C 119 -16.93 -1.09 11.15
CA THR C 119 -17.46 0.08 11.84
C THR C 119 -18.74 0.54 11.15
N ALA C 120 -19.53 1.35 11.84
CA ALA C 120 -20.79 1.86 11.30
C ALA C 120 -20.56 2.59 9.99
N PRO C 121 -21.51 2.46 9.05
CA PRO C 121 -21.37 3.17 7.77
C PRO C 121 -21.02 4.66 7.93
N ALA C 122 -21.65 5.34 8.87
CA ALA C 122 -21.40 6.77 9.09
C ALA C 122 -19.94 7.09 9.38
N TYR C 123 -19.21 6.15 9.99
CA TYR C 123 -17.83 6.40 10.41
C TYR C 123 -16.86 5.58 9.58
N SER C 124 -17.32 5.09 8.45
CA SER C 124 -16.54 4.13 7.68
C SER C 124 -15.48 4.75 6.77
N PHE C 125 -15.53 6.07 6.56
CA PHE C 125 -14.54 6.68 5.67
C PHE C 125 -13.57 7.59 6.43
N VAL C 126 -13.67 7.63 7.76
CA VAL C 126 -12.72 8.43 8.53
C VAL C 126 -11.57 7.53 8.94
N SER C 127 -10.37 8.07 8.89
CA SER C 127 -9.20 7.45 9.48
C SER C 127 -8.46 8.58 10.18
N SER C 128 -7.55 8.25 11.09
CA SER C 128 -6.79 9.30 11.76
C SER C 128 -6.03 10.13 10.73
N SER C 129 -5.41 9.45 9.77
CA SER C 129 -4.60 10.15 8.77
C SER C 129 -5.41 11.08 7.88
N LEU C 130 -6.54 10.60 7.38
CA LEU C 130 -7.34 11.41 6.46
C LEU C 130 -7.98 12.57 7.21
N ALA C 131 -8.40 12.34 8.46
CA ALA C 131 -8.97 13.43 9.26
C ALA C 131 -7.95 14.56 9.49
N LYS C 132 -6.72 14.20 9.86
CA LYS C 132 -5.65 15.18 10.03
C LYS C 132 -5.38 15.96 8.76
N GLU C 133 -5.29 15.24 7.64
CA GLU C 133 -5.04 15.84 6.33
C GLU C 133 -6.11 16.85 5.96
N VAL C 134 -7.38 16.44 6.06
CA VAL C 134 -8.48 17.32 5.73
C VAL C 134 -8.50 18.54 6.66
N ALA C 135 -8.36 18.30 7.96
CA ALA C 135 -8.41 19.39 8.93
C ALA C 135 -7.28 20.40 8.70
N THR C 136 -6.11 19.90 8.30
CA THR C 136 -4.96 20.75 8.03
C THR C 136 -5.29 21.81 6.98
N TYR C 137 -6.07 21.41 5.99
CA TYR C 137 -6.39 22.30 4.87
C TYR C 137 -7.73 22.99 5.06
N GLY C 138 -8.27 22.91 6.26
CA GLY C 138 -9.46 23.67 6.62
C GLY C 138 -10.80 22.99 6.41
N GLY C 139 -10.78 21.68 6.12
CA GLY C 139 -12.03 20.95 6.00
C GLY C 139 -12.63 20.60 7.35
N ASP C 140 -13.96 20.53 7.39
CA ASP C 140 -14.71 20.27 8.63
C ASP C 140 -14.88 18.78 8.92
N VAL C 141 -14.12 18.27 9.88
CA VAL C 141 -14.23 16.88 10.30
C VAL C 141 -14.91 16.72 11.67
N SER C 142 -15.66 17.74 12.10
CA SER C 142 -16.25 17.75 13.44
C SER C 142 -17.26 16.63 13.65
N ALA C 143 -17.87 16.16 12.57
CA ALA C 143 -18.86 15.09 12.67
C ALA C 143 -18.23 13.71 12.77
N LEU C 144 -16.90 13.66 12.66
CA LEU C 144 -16.19 12.38 12.52
C LEU C 144 -15.29 12.05 13.72
N LEU C 145 -15.20 12.99 14.65
CA LEU C 145 -14.32 12.87 15.83
C LEU C 145 -15.09 13.20 17.09
N PRO C 146 -14.68 12.60 18.23
CA PRO C 146 -15.26 13.01 19.52
C PRO C 146 -15.05 14.51 19.73
N ALA C 147 -16.01 15.18 20.37
CA ALA C 147 -15.99 16.63 20.48
C ALA C 147 -14.70 17.15 21.09
N SER C 148 -14.22 16.45 22.11
CA SER C 148 -12.99 16.80 22.79
C SER C 148 -11.79 16.72 21.85
N VAL C 149 -11.60 15.55 21.25
CA VAL C 149 -10.58 15.35 20.22
C VAL C 149 -10.59 16.47 19.19
N HIS C 150 -11.77 16.83 18.70
CA HIS C 150 -11.88 17.86 17.67
C HIS C 150 -11.28 19.19 18.11
N GLN C 151 -11.57 19.60 19.34
CA GLN C 151 -11.01 20.86 19.85
C GLN C 151 -9.49 20.80 20.02
N ARG C 152 -8.97 19.64 20.44
CA ARG C 152 -7.53 19.45 20.63
C ARG C 152 -6.78 19.50 19.29
N LEU C 153 -7.37 18.88 18.27
CA LEU C 153 -6.82 18.91 16.91
C LEU C 153 -6.71 20.35 16.41
N LEU C 154 -7.80 21.08 16.53
CA LEU C 154 -7.82 22.52 16.14
C LEU C 154 -6.70 23.20 16.92
N GLY C 155 -6.54 22.81 18.17
CA GLY C 155 -5.45 23.38 18.99
C GLY C 155 -4.08 23.08 18.43
N LYS C 156 -3.81 21.86 17.96
CA LYS C 156 -2.45 21.57 17.44
C LYS C 156 -2.22 22.23 16.09
N LEU C 157 -3.26 22.42 15.29
CA LEU C 157 -3.04 23.03 13.95
C LEU C 157 -2.86 24.53 14.11
N ARG C 158 -3.73 25.17 14.88
CA ARG C 158 -3.68 26.62 15.06
C ARG C 158 -2.55 27.02 16.01
N GLY C 159 -1.48 26.23 16.02
CA GLY C 159 -0.29 26.51 16.80
C GLY C 159 0.90 25.90 16.09
N GLN C 160 0.79 25.80 14.77
CA GLN C 160 1.83 25.21 13.94
C GLN C 160 2.44 26.25 13.00
C10 QX4 D . 11.93 -7.59 -8.30
C01 QX4 D . 17.11 -7.88 -11.78
C02 QX4 D . 16.14 -8.29 -10.70
C03 QX4 D . 16.40 -9.38 -9.87
C04 QX4 D . 15.49 -9.75 -8.88
C05 QX4 D . 14.29 -8.99 -8.71
C06 QX4 D . 14.03 -7.92 -9.53
C07 QX4 D . 14.96 -7.56 -10.54
C08 QX4 D . 12.81 -7.16 -9.34
C11 QX4 D . 12.28 -8.69 -7.53
O09 QX4 D . 12.53 -6.06 -10.17
O12 QX4 D . 11.41 -9.12 -6.50
O13 QX4 D . 13.41 -9.35 -7.73
C10 QX4 E . -0.25 -2.52 16.14
C01 QX4 E . 2.18 -3.49 21.86
C02 QX4 E . 1.24 -2.91 20.80
C03 QX4 E . 0.25 -2.01 21.17
C04 QX4 E . -0.61 -1.48 20.20
C05 QX4 E . -0.45 -1.86 18.83
C06 QX4 E . 0.53 -2.74 18.47
C07 QX4 E . 1.39 -3.28 19.46
C08 QX4 E . 0.67 -3.11 17.06
C11 QX4 E . -1.22 -1.62 16.62
O09 QX4 E . 1.67 -4.01 16.63
O12 QX4 E . -2.11 -1.05 15.71
O13 QX4 E . -1.31 -1.32 17.91
#